data_1XQD
#
_entry.id   1XQD
#
_cell.length_a   43.296
_cell.length_b   56.121
_cell.length_c   163.262
_cell.angle_alpha   90.00
_cell.angle_beta   90.00
_cell.angle_gamma   90.00
#
_symmetry.space_group_name_H-M   'P 21 21 21'
#
loop_
_entity.id
_entity.type
_entity.pdbx_description
1 polymer 'CYTOCHROME P450 55A1'
2 non-polymer 'PROTOPORPHYRIN IX CONTAINING FE'
3 non-polymer 'NICOTINIC ACID ADENINE DINUCLEOTIDE'
4 water water
#
_entity_poly.entity_id   1
_entity_poly.type   'polypeptide(L)'
_entity_poly.pdbx_seq_one_letter_code
;MASGAPSFPFSRASGPEPPAEFAKLRATNPVSQVKLFDGSLAWLVTKHKDVCFVATSEKLSKVRTRQGFPELGAGGKQAA
KAKPTFVDMDPPEHMHQRSMVEPTFTPEAVKNLQPYIQRTVDDLLEQMKQKGCANGPVDLVKEFALPVPSYIIYTLLGVP
FNDLEYLTQQNAIRTNGSSTARQASAANQELLDYLAILVEQRLVEPKDDIISKLCTEQVKPGNIDKSDAVQIAFLLLVAG
NATMVNMIALGVATLAQHPDQLAQLKANPSLAPQFVEELCRYHTASALAIKRTAKEDVMIGDKLVRANEGIIASNQSANR
DEEVFENPDEFNMNRKWPPQDPLGFGFGDHRCIAEHLAKAELTTVFSTLYQKFPDLKVAVPLGKINYTPLNRDVGIVDLP
VIF
;
_entity_poly.pdbx_strand_id   A
#
loop_
_chem_comp.id
_chem_comp.type
_chem_comp.name
_chem_comp.formula
DND non-polymer 'NICOTINIC ACID ADENINE DINUCLEOTIDE' 'C21 H27 N6 O15 P2 1'
HEM non-polymer 'PROTOPORPHYRIN IX CONTAINING FE' 'C34 H32 Fe N4 O4'
#
# COMPACT_ATOMS: atom_id res chain seq x y z
N ALA A 5 -3.28 3.91 -28.82
CA ALA A 5 -3.03 3.78 -27.35
C ALA A 5 -4.30 3.33 -26.62
N PRO A 6 -4.18 2.25 -25.82
CA PRO A 6 -5.33 1.73 -25.06
C PRO A 6 -5.59 2.54 -23.79
N SER A 7 -6.86 2.62 -23.40
CA SER A 7 -7.25 3.35 -22.19
C SER A 7 -6.58 2.70 -20.97
N PHE A 8 -6.07 3.54 -20.08
CA PHE A 8 -5.40 3.06 -18.86
C PHE A 8 -5.82 3.96 -17.69
N PRO A 9 -5.86 3.41 -16.47
CA PRO A 9 -5.54 2.03 -16.08
C PRO A 9 -6.43 0.94 -16.67
N PHE A 10 -5.84 -0.25 -16.76
CA PHE A 10 -6.55 -1.43 -17.25
C PHE A 10 -7.33 -2.01 -16.08
N SER A 11 -8.31 -2.85 -16.38
CA SER A 11 -9.10 -3.50 -15.34
C SER A 11 -8.50 -4.89 -15.10
N ARG A 12 -8.55 -5.35 -13.85
CA ARG A 12 -8.02 -6.68 -13.53
C ARG A 12 -8.81 -7.71 -14.33
N ALA A 13 -8.13 -8.78 -14.77
CA ALA A 13 -8.77 -9.82 -15.56
C ALA A 13 -9.92 -10.47 -14.80
N SER A 14 -9.75 -10.63 -13.49
CA SER A 14 -10.76 -11.22 -12.63
C SER A 14 -10.46 -10.73 -11.22
N GLY A 15 -11.33 -11.08 -10.27
CA GLY A 15 -11.16 -10.67 -8.90
C GLY A 15 -9.75 -10.61 -8.34
N PRO A 16 -9.04 -11.74 -8.30
CA PRO A 16 -7.68 -11.79 -7.76
C PRO A 16 -6.53 -11.64 -8.75
N GLU A 17 -6.84 -11.51 -10.04
CA GLU A 17 -5.80 -11.41 -11.06
C GLU A 17 -5.44 -10.01 -11.51
N PRO A 18 -4.23 -9.84 -12.05
CA PRO A 18 -3.82 -8.52 -12.53
C PRO A 18 -4.42 -8.37 -13.93
N PRO A 19 -4.29 -7.17 -14.52
CA PRO A 19 -4.82 -6.94 -15.86
C PRO A 19 -4.19 -7.93 -16.84
N ALA A 20 -4.98 -8.43 -17.77
CA ALA A 20 -4.49 -9.40 -18.75
C ALA A 20 -3.53 -8.74 -19.75
N GLU A 21 -3.62 -7.43 -19.89
CA GLU A 21 -2.78 -6.70 -20.84
C GLU A 21 -1.27 -6.77 -20.60
N PHE A 22 -0.86 -6.73 -19.34
CA PHE A 22 0.55 -6.74 -18.98
C PHE A 22 1.40 -7.86 -19.59
N ALA A 23 0.85 -9.06 -19.64
CA ALA A 23 1.59 -10.20 -20.18
C ALA A 23 1.99 -9.98 -21.64
N LYS A 24 1.05 -9.52 -22.46
CA LYS A 24 1.33 -9.27 -23.89
C LYS A 24 2.37 -8.17 -24.04
N LEU A 25 2.20 -7.09 -23.28
CA LEU A 25 3.12 -5.96 -23.33
C LEU A 25 4.55 -6.34 -22.96
N ARG A 26 4.72 -7.09 -21.87
CA ARG A 26 6.06 -7.50 -21.46
C ARG A 26 6.75 -8.28 -22.57
N ALA A 27 6.00 -9.17 -23.21
CA ALA A 27 6.55 -10.00 -24.27
C ALA A 27 6.83 -9.32 -25.60
N THR A 28 6.00 -8.34 -25.99
CA THR A 28 6.22 -7.69 -27.29
C THR A 28 6.19 -6.17 -27.35
N ASN A 29 5.88 -5.50 -26.26
CA ASN A 29 5.82 -4.04 -26.28
C ASN A 29 5.94 -3.56 -24.84
N PRO A 30 7.08 -3.87 -24.18
CA PRO A 30 7.41 -3.53 -22.80
C PRO A 30 7.30 -2.07 -22.36
N VAL A 31 7.65 -1.14 -23.25
CA VAL A 31 7.55 0.28 -22.92
C VAL A 31 6.67 0.90 -24.00
N SER A 32 5.42 1.20 -23.65
CA SER A 32 4.47 1.74 -24.61
C SER A 32 3.61 2.89 -24.07
N GLN A 33 2.91 3.56 -24.99
CA GLN A 33 2.05 4.66 -24.62
C GLN A 33 0.63 4.18 -24.36
N VAL A 34 -0.01 4.79 -23.37
CA VAL A 34 -1.38 4.48 -23.02
C VAL A 34 -2.16 5.80 -22.97
N LYS A 35 -3.47 5.71 -23.15
CA LYS A 35 -4.34 6.88 -23.14
C LYS A 35 -4.99 7.06 -21.78
N LEU A 36 -4.72 8.21 -21.15
CA LEU A 36 -5.31 8.47 -19.85
C LEU A 36 -6.70 9.09 -20.00
N PHE A 37 -7.44 9.12 -18.90
CA PHE A 37 -8.81 9.64 -18.89
C PHE A 37 -9.02 11.01 -19.54
N ASP A 38 -7.99 11.86 -19.50
CA ASP A 38 -8.11 13.20 -20.07
C ASP A 38 -7.61 13.29 -21.50
N GLY A 39 -7.36 12.14 -22.13
CA GLY A 39 -6.90 12.13 -23.49
C GLY A 39 -5.40 12.24 -23.65
N SER A 40 -4.69 12.48 -22.56
CA SER A 40 -3.23 12.58 -22.62
C SER A 40 -2.61 11.19 -22.78
N LEU A 41 -1.39 11.15 -23.30
CA LEU A 41 -0.68 9.89 -23.49
C LEU A 41 0.49 9.80 -22.53
N ALA A 42 0.60 8.69 -21.83
CA ALA A 42 1.68 8.47 -20.89
C ALA A 42 2.36 7.14 -21.20
N TRP A 43 3.58 6.95 -20.71
CA TRP A 43 4.31 5.71 -20.95
C TRP A 43 4.11 4.68 -19.85
N LEU A 44 3.79 3.46 -20.28
CA LEU A 44 3.58 2.35 -19.35
C LEU A 44 4.79 1.43 -19.45
N VAL A 45 5.43 1.21 -18.31
CA VAL A 45 6.62 0.36 -18.21
C VAL A 45 6.18 -0.92 -17.51
N THR A 46 6.48 -2.07 -18.13
CA THR A 46 6.03 -3.35 -17.60
C THR A 46 7.09 -4.39 -17.19
N LYS A 47 8.32 -4.22 -17.62
CA LYS A 47 9.38 -5.18 -17.27
C LYS A 47 10.08 -4.80 -15.98
N HIS A 48 10.42 -5.80 -15.17
CA HIS A 48 11.10 -5.59 -13.90
C HIS A 48 12.33 -4.67 -14.02
N LYS A 49 13.23 -4.95 -14.96
CA LYS A 49 14.42 -4.12 -15.13
C LYS A 49 14.08 -2.66 -15.41
N ASP A 50 13.07 -2.44 -16.24
CA ASP A 50 12.66 -1.09 -16.60
C ASP A 50 11.97 -0.35 -15.44
N VAL A 51 11.19 -1.08 -14.65
CA VAL A 51 10.52 -0.46 -13.50
C VAL A 51 11.61 -0.03 -12.52
N CYS A 52 12.61 -0.88 -12.32
CA CYS A 52 13.71 -0.54 -11.43
C CYS A 52 14.44 0.71 -11.94
N PHE A 53 14.62 0.79 -13.25
CA PHE A 53 15.29 1.94 -13.83
C PHE A 53 14.48 3.21 -13.58
N VAL A 54 13.17 3.14 -13.79
CA VAL A 54 12.29 4.27 -13.57
C VAL A 54 12.34 4.75 -12.13
N ALA A 55 12.36 3.80 -11.20
CA ALA A 55 12.40 4.10 -9.78
C ALA A 55 13.72 4.69 -9.31
N THR A 56 14.78 4.51 -10.10
CA THR A 56 16.10 5.01 -9.69
C THR A 56 16.73 6.11 -10.54
N SER A 57 16.19 6.36 -11.73
CA SER A 57 16.75 7.38 -12.62
C SER A 57 16.68 8.80 -12.08
N GLU A 58 17.83 9.47 -12.05
CA GLU A 58 17.92 10.84 -11.56
C GLU A 58 17.31 11.80 -12.57
N LYS A 59 16.95 11.29 -13.75
CA LYS A 59 16.34 12.10 -14.79
C LYS A 59 14.83 12.18 -14.70
N LEU A 60 14.24 11.48 -13.73
CA LEU A 60 12.79 11.48 -13.57
C LEU A 60 12.43 12.16 -12.26
N SER A 61 11.25 12.78 -12.24
CA SER A 61 10.78 13.50 -11.06
C SER A 61 9.52 12.90 -10.43
N LYS A 62 9.42 13.04 -9.11
CA LYS A 62 8.30 12.54 -8.32
C LYS A 62 7.27 13.65 -8.08
N VAL A 63 7.65 14.89 -8.34
CA VAL A 63 6.75 16.03 -8.11
C VAL A 63 5.41 15.84 -8.81
N ARG A 64 4.34 15.76 -8.00
CA ARG A 64 3.01 15.51 -8.54
C ARG A 64 2.38 16.60 -9.39
N THR A 65 2.69 17.86 -9.10
CA THR A 65 2.14 18.96 -9.87
C THR A 65 3.07 19.37 -11.01
N ARG A 66 4.16 18.63 -11.19
CA ARG A 66 5.09 18.93 -12.25
C ARG A 66 4.37 18.74 -13.59
N GLN A 67 4.71 19.57 -14.57
CA GLN A 67 4.09 19.48 -15.88
C GLN A 67 4.17 18.06 -16.43
N GLY A 68 3.04 17.53 -16.89
CA GLY A 68 3.02 16.19 -17.45
C GLY A 68 2.75 15.05 -16.50
N PHE A 69 2.60 15.31 -15.20
CA PHE A 69 2.34 14.22 -14.27
C PHE A 69 1.10 13.44 -14.70
N PRO A 70 1.22 12.11 -14.76
CA PRO A 70 0.10 11.24 -15.17
C PRO A 70 -1.01 10.93 -14.17
N GLU A 71 -1.91 11.88 -13.93
CA GLU A 71 -3.03 11.60 -13.03
C GLU A 71 -3.92 10.60 -13.76
N LEU A 72 -4.48 9.65 -13.03
CA LEU A 72 -5.30 8.60 -13.63
C LEU A 72 -6.80 8.87 -13.61
N GLY A 73 -7.21 9.88 -12.85
CA GLY A 73 -8.62 10.21 -12.77
C GLY A 73 -8.79 11.70 -12.50
N ALA A 74 -10.00 12.21 -12.68
CA ALA A 74 -10.24 13.63 -12.43
C ALA A 74 -9.93 13.98 -10.99
N GLY A 75 -10.19 13.04 -10.08
CA GLY A 75 -9.94 13.29 -8.67
C GLY A 75 -8.47 13.52 -8.34
N GLY A 76 -7.60 12.89 -9.13
CA GLY A 76 -6.17 13.05 -8.90
C GLY A 76 -5.73 14.50 -8.90
N LYS A 77 -6.25 15.26 -9.86
CA LYS A 77 -5.92 16.68 -9.98
C LYS A 77 -6.23 17.45 -8.71
N GLN A 78 -7.32 17.06 -8.04
CA GLN A 78 -7.71 17.73 -6.81
C GLN A 78 -6.85 17.29 -5.64
N ALA A 79 -6.54 16.00 -5.58
CA ALA A 79 -5.71 15.49 -4.49
C ALA A 79 -4.33 16.15 -4.53
N ALA A 80 -3.85 16.35 -5.76
CA ALA A 80 -2.54 16.96 -5.98
C ALA A 80 -2.43 18.37 -5.43
N LYS A 81 -3.55 18.98 -5.09
CA LYS A 81 -3.51 20.34 -4.54
C LYS A 81 -3.02 20.34 -3.10
N ALA A 82 -2.92 19.14 -2.50
CA ALA A 82 -2.46 19.03 -1.12
C ALA A 82 -1.06 19.58 -1.01
N LYS A 83 -0.73 20.12 0.16
CA LYS A 83 0.61 20.65 0.38
C LYS A 83 1.61 19.51 0.16
N PRO A 84 2.65 19.76 -0.64
CA PRO A 84 3.62 18.68 -0.88
C PRO A 84 4.42 18.22 0.33
N THR A 85 4.60 16.91 0.43
CA THR A 85 5.37 16.29 1.51
C THR A 85 6.44 15.46 0.81
N PHE A 86 7.26 14.73 1.57
CA PHE A 86 8.35 13.97 0.95
C PHE A 86 7.96 12.97 -0.15
N VAL A 87 6.71 12.51 -0.14
CA VAL A 87 6.27 11.57 -1.17
C VAL A 87 6.13 12.29 -2.52
N ASP A 88 6.19 13.61 -2.50
CA ASP A 88 6.07 14.42 -3.73
C ASP A 88 7.39 15.16 -4.01
N MET A 89 8.47 14.72 -3.40
CA MET A 89 9.76 15.40 -3.57
C MET A 89 10.90 14.60 -4.17
N ASP A 90 11.87 15.31 -4.74
CA ASP A 90 13.06 14.69 -5.32
C ASP A 90 14.21 15.11 -4.40
N PRO A 91 15.42 14.57 -4.62
CA PRO A 91 16.54 14.95 -3.75
C PRO A 91 16.86 16.43 -4.02
N PRO A 92 17.35 17.16 -3.00
CA PRO A 92 17.63 16.72 -1.63
C PRO A 92 16.43 16.90 -0.69
N GLU A 93 15.38 17.57 -1.19
CA GLU A 93 14.19 17.82 -0.41
C GLU A 93 13.59 16.52 0.14
N HIS A 94 13.60 15.49 -0.71
CA HIS A 94 13.03 14.21 -0.33
C HIS A 94 13.52 13.69 1.03
N MET A 95 14.79 13.32 1.10
CA MET A 95 15.32 12.80 2.35
C MET A 95 15.39 13.82 3.48
N HIS A 96 15.40 15.09 3.16
CA HIS A 96 15.44 16.12 4.19
C HIS A 96 14.20 16.00 5.06
N GLN A 97 13.05 15.73 4.44
CA GLN A 97 11.81 15.60 5.20
C GLN A 97 11.54 14.17 5.60
N ARG A 98 11.85 13.21 4.75
CA ARG A 98 11.60 11.81 5.09
C ARG A 98 12.41 11.40 6.32
N SER A 99 13.61 11.95 6.46
CA SER A 99 14.46 11.61 7.61
C SER A 99 13.81 12.06 8.91
N MET A 100 12.87 12.99 8.84
CA MET A 100 12.19 13.49 10.02
C MET A 100 11.29 12.45 10.68
N VAL A 101 10.84 11.46 9.91
CA VAL A 101 9.95 10.43 10.45
C VAL A 101 10.47 9.00 10.28
N GLU A 102 11.59 8.87 9.58
CA GLU A 102 12.20 7.55 9.32
C GLU A 102 12.57 6.72 10.58
N PRO A 103 13.03 7.37 11.66
CA PRO A 103 13.41 6.64 12.88
C PRO A 103 12.40 5.60 13.37
N THR A 104 11.12 5.92 13.23
CA THR A 104 10.05 5.02 13.66
C THR A 104 9.97 3.74 12.83
N PHE A 105 10.43 3.83 11.58
CA PHE A 105 10.34 2.72 10.64
C PHE A 105 11.58 1.90 10.33
N THR A 106 12.70 2.16 11.01
CA THR A 106 13.92 1.40 10.75
C THR A 106 13.76 -0.07 11.13
N PRO A 107 14.61 -0.95 10.59
CA PRO A 107 14.52 -2.37 10.93
C PRO A 107 14.64 -2.55 12.45
N GLU A 108 15.51 -1.77 13.07
CA GLU A 108 15.69 -1.85 14.50
C GLU A 108 14.45 -1.42 15.27
N ALA A 109 13.86 -0.30 14.87
CA ALA A 109 12.64 0.20 15.51
C ALA A 109 11.48 -0.78 15.37
N VAL A 110 11.35 -1.36 14.18
CA VAL A 110 10.28 -2.32 13.93
C VAL A 110 10.49 -3.59 14.75
N LYS A 111 11.74 -3.99 14.94
CA LYS A 111 12.04 -5.17 15.73
C LYS A 111 11.59 -4.93 17.17
N ASN A 112 11.84 -3.72 17.67
CA ASN A 112 11.45 -3.38 19.05
C ASN A 112 9.94 -3.25 19.18
N LEU A 113 9.26 -3.07 18.05
CA LEU A 113 7.80 -2.93 18.05
C LEU A 113 7.12 -4.30 18.00
N GLN A 114 7.88 -5.35 17.71
CA GLN A 114 7.32 -6.70 17.59
C GLN A 114 6.40 -7.12 18.74
N PRO A 115 6.85 -6.96 20.00
CA PRO A 115 5.98 -7.36 21.11
C PRO A 115 4.61 -6.67 21.04
N TYR A 116 4.60 -5.40 20.62
CA TYR A 116 3.34 -4.66 20.52
C TYR A 116 2.51 -5.15 19.34
N ILE A 117 3.16 -5.48 18.23
CA ILE A 117 2.44 -5.98 17.07
C ILE A 117 1.80 -7.31 17.46
N GLN A 118 2.58 -8.15 18.14
CA GLN A 118 2.06 -9.45 18.58
C GLN A 118 0.84 -9.27 19.49
N ARG A 119 0.97 -8.39 20.49
CA ARG A 119 -0.12 -8.15 21.42
C ARG A 119 -1.37 -7.64 20.71
N THR A 120 -1.18 -6.74 19.75
CA THR A 120 -2.31 -6.19 19.00
C THR A 120 -3.04 -7.30 18.23
N VAL A 121 -2.27 -8.16 17.57
CA VAL A 121 -2.86 -9.26 16.82
C VAL A 121 -3.51 -10.24 17.79
N ASP A 122 -2.79 -10.60 18.85
CA ASP A 122 -3.32 -11.53 19.85
C ASP A 122 -4.66 -11.07 20.42
N ASP A 123 -4.74 -9.80 20.80
CA ASP A 123 -5.97 -9.25 21.38
C ASP A 123 -7.14 -9.26 20.41
N LEU A 124 -6.90 -8.90 19.16
CA LEU A 124 -7.96 -8.88 18.16
C LEU A 124 -8.47 -10.29 17.87
N LEU A 125 -7.56 -11.25 17.84
CA LEU A 125 -7.95 -12.64 17.59
C LEU A 125 -8.73 -13.19 18.78
N GLU A 126 -8.33 -12.82 19.99
CA GLU A 126 -9.02 -13.30 21.18
C GLU A 126 -10.47 -12.82 21.20
N GLN A 127 -10.68 -11.58 20.77
CA GLN A 127 -12.04 -11.04 20.73
C GLN A 127 -12.89 -11.82 19.73
N MET A 128 -12.28 -12.27 18.64
CA MET A 128 -13.02 -13.06 17.65
C MET A 128 -13.41 -14.38 18.31
N LYS A 129 -12.48 -14.95 19.05
CA LYS A 129 -12.70 -16.22 19.74
C LYS A 129 -13.85 -16.09 20.74
N GLN A 130 -13.86 -14.98 21.48
CA GLN A 130 -14.92 -14.76 22.45
C GLN A 130 -16.27 -14.48 21.79
N LYS A 131 -16.25 -13.78 20.66
CA LYS A 131 -17.48 -13.48 19.95
C LYS A 131 -18.00 -14.74 19.26
N GLY A 132 -17.06 -15.64 18.95
CA GLY A 132 -17.42 -16.88 18.30
C GLY A 132 -18.07 -16.71 16.94
N CYS A 133 -18.52 -17.83 16.37
CA CYS A 133 -19.17 -17.82 15.07
C CYS A 133 -20.28 -18.88 15.05
N ALA A 134 -20.84 -19.14 16.22
CA ALA A 134 -21.91 -20.14 16.35
C ALA A 134 -23.14 -19.74 15.55
N ASN A 135 -23.42 -18.44 15.48
CA ASN A 135 -24.58 -17.94 14.75
C ASN A 135 -24.27 -17.59 13.30
N GLY A 136 -23.12 -18.04 12.81
CA GLY A 136 -22.75 -17.74 11.44
C GLY A 136 -21.35 -17.16 11.33
N PRO A 137 -20.84 -16.98 10.11
CA PRO A 137 -19.50 -16.42 9.94
C PRO A 137 -19.40 -14.96 10.32
N VAL A 138 -18.17 -14.51 10.56
CA VAL A 138 -17.90 -13.12 10.90
C VAL A 138 -17.03 -12.55 9.79
N ASP A 139 -17.02 -11.23 9.64
CA ASP A 139 -16.23 -10.59 8.60
C ASP A 139 -14.78 -10.43 9.10
N LEU A 140 -13.85 -11.18 8.51
CA LEU A 140 -12.45 -11.11 8.92
C LEU A 140 -11.88 -9.70 8.71
N VAL A 141 -12.41 -8.99 7.73
CA VAL A 141 -11.93 -7.63 7.46
C VAL A 141 -12.27 -6.71 8.61
N LYS A 142 -13.57 -6.52 8.87
CA LYS A 142 -13.99 -5.64 9.95
C LYS A 142 -13.44 -6.02 11.32
N GLU A 143 -13.43 -7.31 11.63
CA GLU A 143 -12.97 -7.77 12.94
C GLU A 143 -11.47 -7.98 13.10
N PHE A 144 -10.73 -8.02 12.00
CA PHE A 144 -9.30 -8.28 12.10
C PHE A 144 -8.39 -7.55 11.13
N ALA A 145 -8.62 -7.74 9.83
CA ALA A 145 -7.78 -7.12 8.81
C ALA A 145 -7.76 -5.59 8.92
N LEU A 146 -8.89 -5.00 9.28
CA LEU A 146 -8.97 -3.55 9.40
C LEU A 146 -8.28 -2.99 10.65
N PRO A 147 -8.64 -3.49 11.85
CA PRO A 147 -8.00 -2.96 13.05
C PRO A 147 -6.51 -3.25 13.25
N VAL A 148 -6.00 -4.32 12.66
CA VAL A 148 -4.58 -4.61 12.87
C VAL A 148 -3.66 -3.46 12.42
N PRO A 149 -3.68 -3.09 11.13
CA PRO A 149 -2.78 -2.00 10.75
C PRO A 149 -3.22 -0.66 11.32
N SER A 150 -4.54 -0.45 11.39
CA SER A 150 -5.09 0.80 11.90
C SER A 150 -4.62 1.06 13.33
N TYR A 151 -4.79 0.09 14.22
CA TYR A 151 -4.36 0.28 15.60
C TYR A 151 -2.88 0.55 15.73
N ILE A 152 -2.08 -0.12 14.92
CA ILE A 152 -0.64 0.06 15.00
C ILE A 152 -0.19 1.46 14.58
N ILE A 153 -0.65 1.92 13.42
CA ILE A 153 -0.26 3.24 12.95
C ILE A 153 -0.85 4.32 13.85
N TYR A 154 -2.05 4.07 14.39
CA TYR A 154 -2.67 5.05 15.29
C TYR A 154 -1.79 5.23 16.53
N THR A 155 -1.25 4.13 17.03
CA THR A 155 -0.39 4.19 18.22
C THR A 155 0.91 4.91 17.89
N LEU A 156 1.46 4.64 16.71
CA LEU A 156 2.71 5.27 16.31
C LEU A 156 2.52 6.77 16.07
N LEU A 157 1.41 7.14 15.45
CA LEU A 157 1.11 8.54 15.15
C LEU A 157 0.64 9.34 16.35
N GLY A 158 -0.22 8.72 17.15
CA GLY A 158 -0.75 9.39 18.32
C GLY A 158 -2.24 9.65 18.13
N VAL A 159 -2.89 8.75 17.38
CA VAL A 159 -4.32 8.84 17.10
C VAL A 159 -5.11 7.90 18.02
N PRO A 160 -6.27 8.36 18.53
CA PRO A 160 -7.13 7.56 19.41
C PRO A 160 -7.92 6.48 18.68
N PHE A 161 -7.85 5.25 19.19
CA PHE A 161 -8.54 4.09 18.61
C PHE A 161 -10.04 4.28 18.37
N ASN A 162 -10.70 5.04 19.24
CA ASN A 162 -12.14 5.26 19.11
C ASN A 162 -12.56 5.85 17.77
N ASP A 163 -11.64 6.56 17.12
CA ASP A 163 -11.93 7.20 15.85
C ASP A 163 -11.71 6.33 14.60
N LEU A 164 -11.52 5.03 14.81
CA LEU A 164 -11.30 4.09 13.72
C LEU A 164 -12.38 4.15 12.63
N GLU A 165 -13.65 4.05 13.03
CA GLU A 165 -14.74 4.08 12.07
C GLU A 165 -14.82 5.38 11.30
N TYR A 166 -14.68 6.49 12.01
CA TYR A 166 -14.74 7.80 11.40
C TYR A 166 -13.61 8.03 10.41
N LEU A 167 -12.38 7.81 10.85
CA LEU A 167 -11.22 8.02 9.98
C LEU A 167 -11.22 7.07 8.79
N THR A 168 -11.62 5.83 9.01
CA THR A 168 -11.67 4.85 7.92
C THR A 168 -12.72 5.29 6.91
N GLN A 169 -13.87 5.73 7.41
CA GLN A 169 -14.96 6.19 6.56
C GLN A 169 -14.57 7.40 5.72
N GLN A 170 -13.98 8.40 6.35
CA GLN A 170 -13.59 9.59 5.63
C GLN A 170 -12.56 9.34 4.54
N ASN A 171 -11.56 8.50 4.81
CA ASN A 171 -10.58 8.23 3.77
C ASN A 171 -11.21 7.43 2.64
N ALA A 172 -12.17 6.58 2.99
CA ALA A 172 -12.87 5.76 2.00
C ALA A 172 -13.63 6.66 1.04
N ILE A 173 -14.29 7.67 1.59
CA ILE A 173 -15.05 8.61 0.77
C ILE A 173 -14.10 9.41 -0.12
N ARG A 174 -12.99 9.82 0.46
CA ARG A 174 -11.99 10.61 -0.26
C ARG A 174 -11.40 9.90 -1.46
N THR A 175 -11.11 8.61 -1.30
CA THR A 175 -10.50 7.83 -2.38
C THR A 175 -11.45 7.01 -3.25
N ASN A 176 -12.71 6.87 -2.82
CA ASN A 176 -13.70 6.10 -3.57
C ASN A 176 -13.98 6.73 -4.94
N GLY A 177 -13.84 5.93 -6.00
CA GLY A 177 -14.08 6.43 -7.34
C GLY A 177 -15.52 6.80 -7.60
N SER A 178 -16.42 6.38 -6.72
CA SER A 178 -17.85 6.67 -6.86
C SER A 178 -18.25 7.94 -6.13
N SER A 179 -17.31 8.52 -5.39
CA SER A 179 -17.59 9.74 -4.64
C SER A 179 -17.59 10.93 -5.60
N THR A 180 -18.51 11.86 -5.39
CA THR A 180 -18.56 13.05 -6.24
C THR A 180 -17.36 13.88 -5.85
N ALA A 181 -16.94 14.79 -6.73
CA ALA A 181 -15.80 15.65 -6.45
C ALA A 181 -16.03 16.36 -5.12
N ARG A 182 -17.26 16.84 -4.92
CA ARG A 182 -17.66 17.54 -3.71
C ARG A 182 -17.52 16.67 -2.46
N GLN A 183 -18.03 15.44 -2.54
CA GLN A 183 -17.97 14.51 -1.42
C GLN A 183 -16.51 14.17 -1.06
N ALA A 184 -15.70 13.96 -2.08
CA ALA A 184 -14.28 13.61 -1.86
C ALA A 184 -13.52 14.79 -1.26
N SER A 185 -13.83 15.98 -1.73
CA SER A 185 -13.19 17.20 -1.25
C SER A 185 -13.53 17.44 0.23
N ALA A 186 -14.80 17.25 0.58
CA ALA A 186 -15.23 17.45 1.96
C ALA A 186 -14.57 16.44 2.88
N ALA A 187 -14.42 15.21 2.39
CA ALA A 187 -13.82 14.16 3.18
C ALA A 187 -12.34 14.46 3.44
N ASN A 188 -11.63 14.90 2.40
CA ASN A 188 -10.22 15.22 2.53
C ASN A 188 -10.04 16.31 3.59
N GLN A 189 -10.90 17.31 3.55
CA GLN A 189 -10.82 18.42 4.50
C GLN A 189 -11.18 17.98 5.92
N GLU A 190 -12.10 17.04 6.06
CA GLU A 190 -12.45 16.58 7.40
C GLU A 190 -11.24 15.87 8.00
N LEU A 191 -10.45 15.20 7.16
CA LEU A 191 -9.27 14.51 7.64
C LEU A 191 -8.21 15.52 8.07
N LEU A 192 -8.01 16.56 7.28
CA LEU A 192 -7.01 17.57 7.63
C LEU A 192 -7.42 18.35 8.88
N ASP A 193 -8.69 18.71 8.98
CA ASP A 193 -9.16 19.45 10.16
C ASP A 193 -8.98 18.64 11.43
N TYR A 194 -9.22 17.32 11.32
CA TYR A 194 -9.09 16.40 12.44
C TYR A 194 -7.64 16.36 12.92
N LEU A 195 -6.72 16.21 11.97
CA LEU A 195 -5.30 16.13 12.28
C LEU A 195 -4.74 17.48 12.76
N ALA A 196 -5.33 18.57 12.29
CA ALA A 196 -4.88 19.90 12.70
C ALA A 196 -5.09 20.04 14.20
N ILE A 197 -6.24 19.56 14.67
CA ILE A 197 -6.58 19.62 16.09
C ILE A 197 -5.57 18.82 16.90
N LEU A 198 -5.22 17.64 16.39
CA LEU A 198 -4.27 16.77 17.07
C LEU A 198 -2.89 17.40 17.14
N VAL A 199 -2.45 17.98 16.03
CA VAL A 199 -1.15 18.63 15.98
C VAL A 199 -1.09 19.80 16.96
N GLU A 200 -2.19 20.52 17.09
CA GLU A 200 -2.26 21.65 18.00
C GLU A 200 -2.15 21.19 19.44
N GLN A 201 -2.72 20.02 19.73
CA GLN A 201 -2.68 19.46 21.07
C GLN A 201 -1.26 19.07 21.46
N ARG A 202 -0.52 18.52 20.50
CA ARG A 202 0.85 18.10 20.76
C ARG A 202 1.81 19.27 20.84
N LEU A 203 1.47 20.40 20.20
CA LEU A 203 2.36 21.57 20.27
C LEU A 203 2.30 22.13 21.69
N VAL A 204 1.15 21.96 22.33
CA VAL A 204 0.95 22.43 23.69
C VAL A 204 1.47 21.40 24.69
N GLU A 205 1.17 20.12 24.44
CA GLU A 205 1.61 19.05 25.33
C GLU A 205 2.07 17.83 24.55
N PRO A 206 3.37 17.73 24.25
CA PRO A 206 3.93 16.61 23.50
C PRO A 206 3.89 15.28 24.25
N LYS A 207 3.80 14.20 23.48
CA LYS A 207 3.81 12.84 24.03
C LYS A 207 4.88 12.11 23.24
N ASP A 208 4.97 10.80 23.42
CA ASP A 208 5.99 10.06 22.69
C ASP A 208 5.38 9.41 21.45
N ASP A 209 5.04 10.22 20.46
CA ASP A 209 4.47 9.71 19.22
C ASP A 209 5.02 10.52 18.05
N ILE A 210 4.80 10.05 16.83
CA ILE A 210 5.32 10.71 15.64
C ILE A 210 4.94 12.18 15.54
N ILE A 211 3.66 12.48 15.71
CA ILE A 211 3.20 13.85 15.63
C ILE A 211 3.95 14.73 16.61
N SER A 212 4.14 14.23 17.83
CA SER A 212 4.83 14.99 18.88
C SER A 212 6.28 15.26 18.51
N LYS A 213 6.94 14.29 17.90
CA LYS A 213 8.33 14.48 17.50
C LYS A 213 8.39 15.54 16.42
N LEU A 214 7.45 15.50 15.48
CA LEU A 214 7.43 16.51 14.43
C LEU A 214 7.28 17.88 15.06
N CYS A 215 6.45 17.97 16.10
CA CYS A 215 6.22 19.23 16.78
C CYS A 215 7.45 19.76 17.51
N THR A 216 8.04 18.94 18.36
CA THR A 216 9.21 19.35 19.13
C THR A 216 10.51 19.40 18.36
N GLU A 217 10.67 18.52 17.38
CA GLU A 217 11.92 18.49 16.61
C GLU A 217 11.91 19.31 15.33
N GLN A 218 10.74 19.58 14.77
CA GLN A 218 10.69 20.33 13.52
C GLN A 218 9.87 21.61 13.52
N VAL A 219 8.68 21.58 14.13
CA VAL A 219 7.83 22.76 14.15
C VAL A 219 8.34 23.87 15.08
N LYS A 220 8.51 23.56 16.37
CA LYS A 220 8.98 24.59 17.29
C LYS A 220 10.31 25.20 16.87
N PRO A 221 11.26 24.38 16.37
CA PRO A 221 12.54 24.96 15.95
C PRO A 221 12.43 25.76 14.65
N GLY A 222 11.26 25.69 14.02
CA GLY A 222 11.05 26.40 12.78
C GLY A 222 11.60 25.74 11.53
N ASN A 223 11.71 24.42 11.53
CA ASN A 223 12.24 23.71 10.35
C ASN A 223 11.13 23.43 9.35
N ILE A 224 9.91 23.25 9.86
CA ILE A 224 8.73 23.03 9.03
C ILE A 224 7.61 23.74 9.78
N ASP A 225 6.52 24.06 9.12
CA ASP A 225 5.45 24.73 9.84
C ASP A 225 4.38 23.75 10.31
N LYS A 226 3.41 24.28 11.03
CA LYS A 226 2.31 23.48 11.55
C LYS A 226 1.59 22.72 10.44
N SER A 227 1.30 23.40 9.33
CA SER A 227 0.60 22.76 8.22
C SER A 227 1.41 21.61 7.60
N ASP A 228 2.74 21.69 7.68
CA ASP A 228 3.59 20.62 7.15
C ASP A 228 3.42 19.39 8.05
N ALA A 229 3.39 19.62 9.37
CA ALA A 229 3.22 18.53 10.32
C ALA A 229 1.89 17.83 10.05
N VAL A 230 0.84 18.63 9.85
CA VAL A 230 -0.47 18.06 9.58
C VAL A 230 -0.43 17.20 8.32
N GLN A 231 0.15 17.74 7.24
CA GLN A 231 0.26 16.99 5.99
C GLN A 231 1.04 15.70 6.14
N ILE A 232 2.13 15.72 6.92
CA ILE A 232 2.92 14.52 7.11
C ILE A 232 2.11 13.47 7.87
N ALA A 233 1.38 13.93 8.89
CA ALA A 233 0.55 13.04 9.69
C ALA A 233 -0.53 12.46 8.77
N PHE A 234 -1.06 13.30 7.88
CA PHE A 234 -2.09 12.87 6.93
C PHE A 234 -1.52 11.80 6.03
N LEU A 235 -0.32 12.03 5.51
CA LEU A 235 0.33 11.06 4.63
C LEU A 235 0.51 9.71 5.31
N LEU A 236 1.02 9.72 6.53
CA LEU A 236 1.26 8.47 7.26
C LEU A 236 -0.02 7.78 7.70
N LEU A 237 -1.11 8.53 7.81
CA LEU A 237 -2.39 7.98 8.21
C LEU A 237 -3.11 7.32 7.03
N VAL A 238 -3.07 7.97 5.88
CA VAL A 238 -3.77 7.45 4.70
C VAL A 238 -2.99 6.54 3.77
N ALA A 239 -1.68 6.75 3.67
CA ALA A 239 -0.89 5.91 2.80
C ALA A 239 -0.68 4.51 3.38
N GLY A 240 -0.97 3.50 2.57
CA GLY A 240 -0.77 2.12 2.98
C GLY A 240 -1.66 1.41 3.98
N ASN A 241 -2.44 2.15 4.78
CA ASN A 241 -3.30 1.48 5.75
C ASN A 241 -4.29 0.54 5.05
N ALA A 242 -5.07 1.08 4.12
CA ALA A 242 -6.07 0.28 3.39
C ALA A 242 -5.39 -0.85 2.62
N THR A 243 -4.18 -0.58 2.16
CA THR A 243 -3.42 -1.58 1.41
C THR A 243 -3.07 -2.74 2.34
N MET A 244 -2.69 -2.44 3.58
CA MET A 244 -2.36 -3.49 4.55
C MET A 244 -3.61 -4.34 4.81
N VAL A 245 -4.75 -3.67 4.99
CA VAL A 245 -6.01 -4.37 5.23
C VAL A 245 -6.23 -5.38 4.10
N ASN A 246 -6.11 -4.90 2.87
CA ASN A 246 -6.29 -5.77 1.71
C ASN A 246 -5.28 -6.91 1.65
N MET A 247 -4.03 -6.63 2.00
CA MET A 247 -3.01 -7.67 1.98
C MET A 247 -3.32 -8.77 2.96
N ILE A 248 -3.81 -8.41 4.15
CA ILE A 248 -4.17 -9.42 5.14
C ILE A 248 -5.32 -10.27 4.59
N ALA A 249 -6.36 -9.62 4.09
CA ALA A 249 -7.50 -10.35 3.54
C ALA A 249 -7.08 -11.22 2.36
N LEU A 250 -6.27 -10.68 1.46
CA LEU A 250 -5.79 -11.43 0.30
C LEU A 250 -4.93 -12.62 0.73
N GLY A 251 -4.19 -12.46 1.83
CA GLY A 251 -3.37 -13.56 2.31
C GLY A 251 -4.24 -14.73 2.74
N VAL A 252 -5.33 -14.43 3.44
CA VAL A 252 -6.24 -15.48 3.90
C VAL A 252 -6.93 -16.17 2.72
N ALA A 253 -7.34 -15.39 1.74
CA ALA A 253 -7.99 -15.96 0.56
C ALA A 253 -7.01 -16.82 -0.22
N THR A 254 -5.77 -16.37 -0.31
CA THR A 254 -4.75 -17.12 -1.05
C THR A 254 -4.48 -18.47 -0.39
N LEU A 255 -4.42 -18.49 0.94
CA LEU A 255 -4.17 -19.75 1.66
C LEU A 255 -5.34 -20.72 1.50
N ALA A 256 -6.55 -20.19 1.42
CA ALA A 256 -7.71 -21.07 1.24
C ALA A 256 -7.64 -21.64 -0.18
N GLN A 257 -7.13 -20.84 -1.12
CA GLN A 257 -6.99 -21.24 -2.52
C GLN A 257 -5.84 -22.22 -2.72
N HIS A 258 -4.89 -22.23 -1.78
CA HIS A 258 -3.72 -23.12 -1.85
C HIS A 258 -3.63 -23.92 -0.56
N PRO A 259 -4.54 -24.90 -0.39
CA PRO A 259 -4.64 -25.79 0.76
C PRO A 259 -3.34 -26.45 1.20
N ASP A 260 -2.53 -26.88 0.23
CA ASP A 260 -1.27 -27.53 0.56
C ASP A 260 -0.33 -26.59 1.30
N GLN A 261 -0.27 -25.35 0.84
CA GLN A 261 0.60 -24.36 1.47
C GLN A 261 0.10 -23.93 2.84
N LEU A 262 -1.22 -23.93 3.02
CA LEU A 262 -1.78 -23.57 4.31
C LEU A 262 -1.43 -24.69 5.29
N ALA A 263 -1.47 -25.93 4.80
CA ALA A 263 -1.15 -27.07 5.66
C ALA A 263 0.29 -26.94 6.16
N GLN A 264 1.19 -26.52 5.28
CA GLN A 264 2.59 -26.34 5.66
C GLN A 264 2.73 -25.26 6.72
N LEU A 265 2.01 -24.15 6.52
CA LEU A 265 2.07 -23.02 7.44
C LEU A 265 1.53 -23.40 8.82
N LYS A 266 0.45 -24.18 8.86
CA LYS A 266 -0.12 -24.62 10.12
C LYS A 266 0.87 -25.50 10.87
N ALA A 267 1.52 -26.40 10.14
CA ALA A 267 2.49 -27.30 10.75
C ALA A 267 3.71 -26.54 11.24
N ASN A 268 4.06 -25.47 10.54
CA ASN A 268 5.23 -24.68 10.93
C ASN A 268 5.02 -23.19 10.70
N PRO A 269 4.53 -22.47 11.73
CA PRO A 269 4.30 -21.03 11.62
C PRO A 269 5.55 -20.21 11.31
N SER A 270 6.72 -20.84 11.43
CA SER A 270 7.97 -20.16 11.14
C SER A 270 8.14 -19.92 9.64
N LEU A 271 7.20 -20.43 8.86
CA LEU A 271 7.23 -20.26 7.41
C LEU A 271 6.53 -18.97 7.02
N ALA A 272 5.96 -18.27 8.01
CA ALA A 272 5.24 -17.03 7.74
C ALA A 272 6.04 -16.04 6.91
N PRO A 273 7.34 -15.83 7.22
CA PRO A 273 8.11 -14.88 6.43
C PRO A 273 8.15 -15.18 4.93
N GLN A 274 8.34 -16.44 4.56
CA GLN A 274 8.39 -16.77 3.14
C GLN A 274 7.00 -16.64 2.53
N PHE A 275 5.96 -16.93 3.31
CA PHE A 275 4.60 -16.77 2.81
C PHE A 275 4.40 -15.29 2.48
N VAL A 276 4.78 -14.42 3.41
CA VAL A 276 4.65 -12.98 3.22
C VAL A 276 5.42 -12.49 1.99
N GLU A 277 6.61 -13.04 1.77
CA GLU A 277 7.38 -12.63 0.60
C GLU A 277 6.65 -12.95 -0.69
N GLU A 278 6.11 -14.16 -0.80
CA GLU A 278 5.39 -14.55 -2.02
C GLU A 278 4.10 -13.73 -2.12
N LEU A 279 3.46 -13.48 -0.97
CA LEU A 279 2.22 -12.70 -0.99
C LEU A 279 2.47 -11.29 -1.52
N CYS A 280 3.54 -10.65 -1.05
CA CYS A 280 3.84 -9.29 -1.49
C CYS A 280 4.25 -9.21 -2.97
N ARG A 281 4.68 -10.33 -3.55
CA ARG A 281 5.03 -10.35 -4.95
C ARG A 281 3.78 -10.65 -5.78
N TYR A 282 3.10 -11.74 -5.42
CA TYR A 282 1.90 -12.21 -6.12
C TYR A 282 0.74 -11.21 -6.11
N HIS A 283 0.37 -10.74 -4.92
CA HIS A 283 -0.71 -9.76 -4.82
C HIS A 283 -0.10 -8.39 -4.59
N THR A 284 0.11 -7.67 -5.68
CA THR A 284 0.67 -6.32 -5.60
C THR A 284 -0.49 -5.34 -5.42
N ALA A 285 -0.91 -5.18 -4.17
CA ALA A 285 -2.02 -4.31 -3.79
C ALA A 285 -1.82 -2.83 -4.06
N SER A 286 -0.57 -2.43 -4.32
CA SER A 286 -0.24 -1.04 -4.67
C SER A 286 0.46 -1.18 -6.03
N ALA A 287 -0.30 -0.99 -7.10
CA ALA A 287 0.24 -1.16 -8.44
C ALA A 287 0.28 0.07 -9.34
N LEU A 288 -0.38 1.15 -8.93
CA LEU A 288 -0.44 2.36 -9.75
C LEU A 288 0.20 3.59 -9.12
N ALA A 289 0.97 3.38 -8.06
CA ALA A 289 1.59 4.50 -7.36
C ALA A 289 2.96 4.94 -7.87
N ILE A 290 3.66 4.07 -8.57
CA ILE A 290 5.00 4.43 -9.06
C ILE A 290 4.89 5.24 -10.35
N LYS A 291 4.58 6.51 -10.20
CA LYS A 291 4.42 7.41 -11.33
C LYS A 291 5.44 8.54 -11.27
N ARG A 292 5.96 8.93 -12.44
CA ARG A 292 6.96 9.98 -12.52
C ARG A 292 6.80 10.75 -13.83
N THR A 293 7.67 11.73 -14.04
CA THR A 293 7.71 12.50 -15.28
C THR A 293 9.18 12.70 -15.60
N ALA A 294 9.52 12.81 -16.88
CA ALA A 294 10.92 13.00 -17.25
C ALA A 294 11.29 14.48 -17.13
N LYS A 295 12.44 14.75 -16.52
CA LYS A 295 12.90 16.12 -16.37
C LYS A 295 13.50 16.56 -17.71
N GLU A 296 14.05 15.58 -18.43
CA GLU A 296 14.69 15.79 -19.71
C GLU A 296 14.50 14.54 -20.58
N ASP A 297 14.85 14.64 -21.86
CA ASP A 297 14.72 13.48 -22.74
C ASP A 297 15.55 12.35 -22.15
N VAL A 298 14.97 11.15 -22.12
CA VAL A 298 15.67 10.01 -21.57
C VAL A 298 15.17 8.70 -22.15
N MET A 299 16.07 7.73 -22.27
CA MET A 299 15.73 6.42 -22.81
C MET A 299 15.23 5.49 -21.71
N ILE A 300 14.04 4.93 -21.91
CA ILE A 300 13.44 3.97 -20.98
C ILE A 300 13.22 2.75 -21.87
N GLY A 301 14.03 1.72 -21.66
CA GLY A 301 13.91 0.55 -22.52
C GLY A 301 14.48 0.97 -23.86
N ASP A 302 13.74 0.73 -24.94
CA ASP A 302 14.21 1.11 -26.26
C ASP A 302 13.42 2.31 -26.77
N LYS A 303 12.68 2.96 -25.88
CA LYS A 303 11.85 4.10 -26.24
C LYS A 303 12.41 5.41 -25.69
N LEU A 304 12.36 6.46 -26.49
CA LEU A 304 12.84 7.76 -26.06
C LEU A 304 11.68 8.54 -25.47
N VAL A 305 11.74 8.79 -24.16
CA VAL A 305 10.69 9.54 -23.48
C VAL A 305 11.17 10.98 -23.41
N ARG A 306 10.37 11.88 -23.95
CA ARG A 306 10.73 13.30 -23.99
C ARG A 306 10.42 14.04 -22.68
N ALA A 307 11.12 15.14 -22.48
CA ALA A 307 10.95 15.97 -21.30
C ALA A 307 9.47 16.29 -21.07
N ASN A 308 9.04 16.17 -19.82
CA ASN A 308 7.68 16.46 -19.42
C ASN A 308 6.60 15.45 -19.79
N GLU A 309 6.99 14.26 -20.24
CA GLU A 309 5.99 13.23 -20.55
C GLU A 309 5.86 12.37 -19.31
N GLY A 310 4.67 11.82 -19.08
CA GLY A 310 4.43 11.00 -17.90
C GLY A 310 4.76 9.54 -18.05
N ILE A 311 5.12 8.90 -16.94
CA ILE A 311 5.48 7.49 -16.92
C ILE A 311 4.77 6.78 -15.77
N ILE A 312 4.35 5.55 -16.02
CA ILE A 312 3.70 4.73 -14.98
C ILE A 312 4.46 3.41 -15.00
N ALA A 313 5.19 3.13 -13.93
CA ALA A 313 5.97 1.90 -13.82
C ALA A 313 5.19 0.89 -13.00
N SER A 314 4.70 -0.15 -13.66
CA SER A 314 3.90 -1.16 -12.99
C SER A 314 4.71 -2.18 -12.20
N ASN A 315 4.78 -2.02 -10.89
CA ASN A 315 5.50 -2.97 -10.05
C ASN A 315 4.72 -4.27 -10.00
N GLN A 316 3.44 -4.21 -10.34
CA GLN A 316 2.58 -5.39 -10.36
C GLN A 316 3.03 -6.26 -11.52
N SER A 317 3.25 -5.63 -12.67
CA SER A 317 3.71 -6.34 -13.86
C SER A 317 5.12 -6.86 -13.63
N ALA A 318 5.95 -6.05 -12.99
CA ALA A 318 7.33 -6.43 -12.71
C ALA A 318 7.36 -7.67 -11.84
N ASN A 319 6.40 -7.76 -10.90
CA ASN A 319 6.32 -8.91 -10.00
C ASN A 319 5.81 -10.17 -10.67
N ARG A 320 5.33 -10.04 -11.90
CA ARG A 320 4.85 -11.19 -12.67
C ARG A 320 5.76 -11.40 -13.88
N ASP A 321 6.92 -10.76 -13.88
CA ASP A 321 7.86 -10.86 -14.99
C ASP A 321 8.42 -12.27 -15.10
N GLU A 322 8.05 -12.96 -16.18
CA GLU A 322 8.47 -14.34 -16.40
C GLU A 322 9.97 -14.51 -16.65
N GLU A 323 10.68 -13.41 -16.90
CA GLU A 323 12.12 -13.48 -17.13
C GLU A 323 12.86 -13.19 -15.83
N VAL A 324 12.10 -13.16 -14.72
CA VAL A 324 12.67 -12.91 -13.40
C VAL A 324 12.19 -13.96 -12.40
N PHE A 325 10.88 -14.14 -12.31
CA PHE A 325 10.30 -15.10 -11.38
C PHE A 325 9.71 -16.29 -12.14
N GLU A 326 10.28 -17.48 -11.92
CA GLU A 326 9.82 -18.68 -12.62
C GLU A 326 8.35 -18.98 -12.29
N ASN A 327 7.56 -19.31 -13.32
CA ASN A 327 6.13 -19.60 -13.16
C ASN A 327 5.55 -18.51 -12.26
N PRO A 328 5.66 -17.24 -12.70
CA PRO A 328 5.18 -16.06 -11.98
C PRO A 328 3.71 -16.01 -11.60
N ASP A 329 2.86 -16.66 -12.38
CA ASP A 329 1.44 -16.60 -12.09
C ASP A 329 0.93 -17.70 -11.17
N GLU A 330 1.87 -18.45 -10.59
CA GLU A 330 1.53 -19.52 -9.65
C GLU A 330 1.99 -19.03 -8.28
N PHE A 331 1.14 -19.13 -7.27
CA PHE A 331 1.52 -18.71 -5.92
C PHE A 331 2.26 -19.87 -5.27
N ASN A 332 3.50 -19.64 -4.89
CA ASN A 332 4.30 -20.68 -4.27
C ASN A 332 5.26 -20.11 -3.24
N MET A 333 4.91 -20.19 -1.96
CA MET A 333 5.76 -19.65 -0.91
C MET A 333 7.07 -20.40 -0.78
N ASN A 334 7.17 -21.55 -1.46
CA ASN A 334 8.38 -22.36 -1.40
C ASN A 334 9.32 -22.09 -2.57
N ARG A 335 9.04 -21.07 -3.36
CA ARG A 335 9.90 -20.79 -4.50
C ARG A 335 11.30 -20.38 -4.06
N LYS A 336 12.27 -20.61 -4.94
CA LYS A 336 13.65 -20.23 -4.65
C LYS A 336 13.76 -18.84 -5.25
N TRP A 337 14.03 -17.85 -4.41
CA TRP A 337 14.10 -16.48 -4.88
C TRP A 337 15.35 -16.13 -5.69
N PRO A 338 15.15 -15.40 -6.80
CA PRO A 338 16.22 -14.97 -7.69
C PRO A 338 16.94 -13.78 -7.09
N PRO A 339 17.99 -13.29 -7.76
CA PRO A 339 18.71 -12.14 -7.24
C PRO A 339 17.92 -10.84 -7.31
N GLN A 340 16.95 -10.78 -8.22
CA GLN A 340 16.12 -9.58 -8.39
C GLN A 340 15.08 -9.42 -7.29
N ASP A 341 15.00 -8.22 -6.73
CA ASP A 341 14.06 -7.89 -5.64
C ASP A 341 12.60 -7.88 -6.08
N PRO A 342 11.70 -8.49 -5.28
CA PRO A 342 10.29 -8.42 -5.71
C PRO A 342 9.98 -6.94 -5.44
N LEU A 343 9.04 -6.35 -6.18
CA LEU A 343 8.77 -4.92 -6.02
C LEU A 343 7.42 -4.53 -5.42
N GLY A 344 6.93 -5.31 -4.46
CA GLY A 344 5.65 -4.99 -3.85
C GLY A 344 5.69 -3.64 -3.16
N PHE A 345 6.86 -3.28 -2.63
CA PHE A 345 7.04 -2.04 -1.91
C PHE A 345 7.83 -0.98 -2.67
N GLY A 346 7.96 -1.15 -3.99
CA GLY A 346 8.68 -0.17 -4.77
C GLY A 346 10.18 -0.45 -4.82
N PHE A 347 10.94 0.58 -5.19
CA PHE A 347 12.38 0.45 -5.36
C PHE A 347 13.00 1.85 -5.32
N GLY A 348 14.28 1.93 -4.99
CA GLY A 348 14.94 3.23 -4.98
C GLY A 348 14.65 4.11 -3.79
N ASP A 349 14.91 5.42 -3.94
CA ASP A 349 14.71 6.40 -2.88
C ASP A 349 13.31 6.39 -2.26
N HIS A 350 12.29 6.25 -3.11
CA HIS A 350 10.91 6.27 -2.62
C HIS A 350 10.36 4.92 -2.18
N ARG A 351 11.22 3.92 -2.06
CA ARG A 351 10.78 2.59 -1.63
C ARG A 351 10.03 2.76 -0.30
N CYS A 352 8.89 2.09 -0.18
CA CYS A 352 8.05 2.21 1.01
C CYS A 352 8.77 2.42 2.33
N ILE A 353 8.50 3.56 2.97
CA ILE A 353 9.14 3.86 4.25
C ILE A 353 8.72 2.82 5.30
N ALA A 354 7.52 2.27 5.12
CA ALA A 354 6.98 1.29 6.05
C ALA A 354 7.13 -0.18 5.60
N GLU A 355 8.03 -0.44 4.67
CA GLU A 355 8.20 -1.82 4.20
C GLU A 355 8.47 -2.80 5.35
N HIS A 356 9.39 -2.44 6.24
CA HIS A 356 9.72 -3.30 7.36
C HIS A 356 8.53 -3.46 8.30
N LEU A 357 7.82 -2.36 8.55
CA LEU A 357 6.66 -2.40 9.42
C LEU A 357 5.57 -3.29 8.82
N ALA A 358 5.26 -3.07 7.56
CA ALA A 358 4.22 -3.83 6.87
C ALA A 358 4.51 -5.33 6.87
N LYS A 359 5.74 -5.71 6.54
CA LYS A 359 6.12 -7.12 6.53
C LYS A 359 6.05 -7.73 7.93
N ALA A 360 6.39 -6.95 8.95
CA ALA A 360 6.31 -7.44 10.32
C ALA A 360 4.85 -7.68 10.70
N GLU A 361 3.97 -6.76 10.31
CA GLU A 361 2.55 -6.94 10.64
C GLU A 361 2.02 -8.19 9.94
N LEU A 362 2.40 -8.36 8.68
CA LEU A 362 1.95 -9.52 7.91
C LEU A 362 2.56 -10.81 8.46
N THR A 363 3.83 -10.79 8.81
CA THR A 363 4.48 -11.98 9.34
C THR A 363 3.84 -12.38 10.67
N THR A 364 3.54 -11.39 11.51
CA THR A 364 2.91 -11.66 12.80
C THR A 364 1.52 -12.26 12.55
N VAL A 365 0.77 -11.64 11.65
CA VAL A 365 -0.57 -12.14 11.32
C VAL A 365 -0.57 -13.59 10.86
N PHE A 366 0.29 -13.92 9.91
CA PHE A 366 0.31 -15.28 9.37
C PHE A 366 1.05 -16.35 10.15
N SER A 367 1.73 -15.94 11.22
CA SER A 367 2.43 -16.90 12.07
C SER A 367 1.55 -17.14 13.31
N THR A 368 0.49 -16.35 13.43
CA THR A 368 -0.39 -16.45 14.59
C THR A 368 -1.82 -16.88 14.27
N LEU A 369 -2.38 -16.34 13.20
CA LEU A 369 -3.76 -16.61 12.80
C LEU A 369 -4.23 -18.07 12.83
N TYR A 370 -3.50 -18.96 12.18
CA TYR A 370 -3.90 -20.37 12.12
C TYR A 370 -3.52 -21.18 13.35
N GLN A 371 -2.69 -20.61 14.21
CA GLN A 371 -2.31 -21.27 15.44
C GLN A 371 -3.51 -21.02 16.36
N LYS A 372 -4.06 -19.81 16.27
CA LYS A 372 -5.22 -19.42 17.07
C LYS A 372 -6.47 -20.12 16.56
N PHE A 373 -6.64 -20.13 15.24
CA PHE A 373 -7.80 -20.77 14.61
C PHE A 373 -7.35 -21.76 13.54
N PRO A 374 -6.98 -22.98 13.95
CA PRO A 374 -6.54 -24.00 13.00
C PRO A 374 -7.59 -24.40 11.99
N ASP A 375 -8.86 -24.19 12.33
CA ASP A 375 -9.96 -24.55 11.43
C ASP A 375 -10.56 -23.36 10.69
N LEU A 376 -9.84 -22.26 10.63
CA LEU A 376 -10.32 -21.06 9.93
C LEU A 376 -10.57 -21.37 8.46
N LYS A 377 -11.78 -21.06 7.99
CA LYS A 377 -12.13 -21.28 6.59
C LYS A 377 -12.92 -20.10 6.05
N VAL A 378 -12.70 -19.78 4.78
CA VAL A 378 -13.45 -18.69 4.14
C VAL A 378 -14.85 -19.29 3.95
N ALA A 379 -15.86 -18.61 4.47
CA ALA A 379 -17.24 -19.09 4.44
C ALA A 379 -18.07 -18.90 3.17
N VAL A 380 -17.42 -18.54 2.07
CA VAL A 380 -18.12 -18.38 0.80
C VAL A 380 -17.22 -18.99 -0.27
N PRO A 381 -17.82 -19.47 -1.37
CA PRO A 381 -16.98 -20.05 -2.43
C PRO A 381 -15.92 -19.02 -2.83
N LEU A 382 -14.70 -19.47 -3.07
CA LEU A 382 -13.63 -18.55 -3.42
C LEU A 382 -13.98 -17.72 -4.66
N GLY A 383 -14.72 -18.31 -5.60
CA GLY A 383 -15.10 -17.57 -6.79
C GLY A 383 -16.07 -16.45 -6.48
N LYS A 384 -16.66 -16.49 -5.29
CA LYS A 384 -17.63 -15.48 -4.88
C LYS A 384 -17.11 -14.45 -3.88
N ILE A 385 -15.81 -14.46 -3.62
CA ILE A 385 -15.26 -13.49 -2.69
C ILE A 385 -15.55 -12.08 -3.19
N ASN A 386 -15.87 -11.18 -2.28
CA ASN A 386 -16.19 -9.80 -2.63
C ASN A 386 -14.93 -8.95 -2.82
N TYR A 387 -14.37 -9.00 -4.02
CA TYR A 387 -13.16 -8.22 -4.32
C TYR A 387 -13.51 -6.77 -4.66
N THR A 388 -12.48 -5.94 -4.69
CA THR A 388 -12.65 -4.54 -5.03
C THR A 388 -12.97 -4.45 -6.52
N PRO A 389 -13.51 -3.32 -6.98
CA PRO A 389 -13.85 -3.13 -8.40
C PRO A 389 -12.62 -3.47 -9.24
N LEU A 390 -12.85 -4.13 -10.38
CA LEU A 390 -11.76 -4.53 -11.26
C LEU A 390 -10.94 -3.37 -11.80
N ASN A 391 -11.55 -2.19 -11.84
CA ASN A 391 -10.87 -0.99 -12.34
C ASN A 391 -10.00 -0.33 -11.28
N ARG A 392 -9.83 -0.99 -10.13
CA ARG A 392 -9.01 -0.46 -9.05
C ARG A 392 -7.99 -1.50 -8.60
N ASP A 393 -7.15 -1.12 -7.64
CA ASP A 393 -6.13 -2.03 -7.12
C ASP A 393 -6.82 -3.26 -6.52
N VAL A 394 -6.13 -4.40 -6.58
CA VAL A 394 -6.68 -5.64 -6.05
C VAL A 394 -6.84 -5.56 -4.54
N GLY A 395 -7.94 -6.12 -4.05
CA GLY A 395 -8.22 -6.11 -2.63
C GLY A 395 -9.53 -6.83 -2.37
N ILE A 396 -9.93 -6.90 -1.10
CA ILE A 396 -11.16 -7.57 -0.70
C ILE A 396 -11.94 -6.68 0.26
N VAL A 397 -13.20 -6.44 -0.07
CA VAL A 397 -14.07 -5.57 0.73
C VAL A 397 -14.48 -6.19 2.06
N ASP A 398 -14.90 -7.44 2.02
CA ASP A 398 -15.29 -8.15 3.22
C ASP A 398 -14.97 -9.62 2.98
N LEU A 399 -14.71 -10.36 4.05
CA LEU A 399 -14.37 -11.76 3.91
C LEU A 399 -14.98 -12.60 5.03
N PRO A 400 -16.15 -13.19 4.78
CA PRO A 400 -16.83 -14.03 5.78
C PRO A 400 -16.00 -15.26 6.13
N VAL A 401 -15.81 -15.52 7.42
CA VAL A 401 -15.04 -16.67 7.85
C VAL A 401 -15.66 -17.38 9.04
N ILE A 402 -15.29 -18.65 9.21
CA ILE A 402 -15.76 -19.46 10.33
C ILE A 402 -14.50 -20.10 10.89
N PHE A 403 -14.57 -20.60 12.12
CA PHE A 403 -13.41 -21.22 12.76
C PHE A 403 -13.84 -22.09 13.92
CHA HEM B . 5.62 4.31 -0.68
CHB HEM B . 3.76 -0.19 -1.07
CHC HEM B . 2.04 0.07 3.50
CHD HEM B . 3.84 4.58 3.78
C1A HEM B . 5.27 2.96 -1.24
C2A HEM B . 5.61 2.54 -2.50
C3A HEM B . 5.08 1.27 -2.69
C4A HEM B . 4.43 1.02 -1.32
CMA HEM B . 5.12 0.36 -3.86
CAA HEM B . 6.41 3.30 -3.61
CBA HEM B . 5.59 4.45 -4.34
CGA HEM B . 6.44 5.13 -5.37
O1A HEM B . 7.64 4.71 -5.55
O2A HEM B . 5.94 6.08 -6.01
C1B HEM B . 3.09 -0.55 0.19
C2B HEM B . 2.37 -1.84 0.42
C3B HEM B . 1.95 -1.63 1.72
C4B HEM B . 2.39 -0.33 2.17
CMB HEM B . 2.29 -2.88 -0.63
CAB HEM B . 1.11 -2.72 2.48
CBB HEM B . 1.51 -4.02 2.61
C1C HEM B . 2.44 1.42 3.99
C2C HEM B . 2.09 1.91 5.31
C3C HEM B . 2.57 3.20 5.45
C4C HEM B . 3.21 3.37 4.10
CMC HEM B . 1.29 1.06 6.36
CAC HEM B . 2.46 4.10 6.57
CBC HEM B . 3.36 4.48 7.39
C1D HEM B . 4.46 4.92 2.61
C2D HEM B . 5.08 6.25 2.35
C3D HEM B . 5.59 6.17 1.06
C4D HEM B . 5.28 4.76 0.53
CMD HEM B . 5.17 7.45 3.20
CAD HEM B . 6.30 7.13 0.26
CBD HEM B . 7.85 7.03 0.69
CGD HEM B . 8.71 8.00 -0.08
O1D HEM B . 9.86 8.18 0.26
O2D HEM B . 8.29 8.68 -1.06
NA HEM B . 4.55 2.02 -0.46
NB HEM B . 3.06 0.31 1.26
NC HEM B . 3.19 2.34 3.18
ND HEM B . 4.56 4.05 1.57
FE HEM B . 3.89 2.17 1.41
PN DND C . -3.45 7.60 -1.64
O11 DND C . -3.86 8.04 -0.29
O12 DND C . -3.20 6.17 -1.97
O3P DND C . -3.21 8.70 -2.83
O5D DND C . -1.89 7.81 -1.22
C5D DND C . -1.28 9.09 -0.75
C4D DND C . 0.16 9.22 -1.29
O4D DND C . 0.90 8.01 -0.90
C3D DND C . 0.28 9.32 -2.83
O3D DND C . 1.30 10.25 -3.27
C2D DND C . 0.56 7.88 -3.21
O2D DND C . 1.14 7.76 -4.52
C1D DND C . 1.41 7.41 -2.07
N1N DND C . 1.35 5.93 -1.97
C6N DND C . 2.40 5.21 -2.59
C5N DND C . 2.27 3.84 -2.45
C4N DND C . 1.22 3.16 -1.76
C3N DND C . 0.20 4.01 -1.16
C2N DND C . 0.25 5.40 -1.26
C7N DND C . -0.92 3.31 -0.43
O7N DND C . -1.87 4.01 0.13
O8N DND C . -0.91 2.01 -0.32
PA DND C . -4.06 9.99 -3.28
O13 DND C . -3.12 10.26 -4.33
O14 DND C . -4.05 10.61 -1.94
O5B DND C . -5.15 8.87 -3.46
C5B DND C . -6.49 9.12 -3.36
C4B DND C . -7.10 8.98 -4.72
O4B DND C . -8.52 9.23 -4.57
C3B DND C . -6.63 9.97 -5.83
O3B DND C . -5.85 9.41 -6.90
C2B DND C . -7.94 10.66 -6.27
O2B DND C . -8.44 10.09 -7.50
C1B DND C . -8.91 10.45 -5.15
N9A DND C . -8.86 11.65 -4.23
C4A DND C . -9.62 12.79 -4.43
N3A DND C . -10.51 13.03 -5.46
C2A DND C . -11.06 14.25 -5.37
N1A DND C . -10.82 15.21 -4.37
C6A DND C . -9.91 14.94 -3.34
C5A DND C . -9.26 13.67 -3.36
N7A DND C . -8.34 13.11 -2.50
C8A DND C . -8.13 11.92 -3.06
N6A DND C . -9.66 15.85 -2.39
#